data_3TIS
#
_entry.id   3TIS
#
_cell.length_a   96.793
_cell.length_b   96.793
_cell.length_c   87.398
_cell.angle_alpha   90.00
_cell.angle_beta   90.00
_cell.angle_gamma   120.00
#
_symmetry.space_group_name_H-M   'P 63'
#
loop_
_entity.id
_entity.type
_entity.pdbx_description
1 polymer 'Protein YrdA'
2 non-polymer 'ZINC ION'
3 water water
#
_entity_poly.entity_id   1
_entity_poly.type   'polypeptide(L)'
_entity_poly.pdbx_seq_one_letter_code
;SDVLHPYRDLFPQIGQRVMIDDSSVVIGDVRLADDVGIWPLVVIRGDVHYVQIGARTNIQDGSMLHVTHKSSYNPDGNPL
TIGEDVTVGHKVMLHGCTIGNRVLVGMGSILLDGAIVEDDVMIGAGSLVPQNKRLESGYLYLGSPVKQIRPLSDEEKAGL
RYSANNYVKWKDEYLDQGNQTQP
;
_entity_poly.pdbx_strand_id   A,B,C
#
loop_
_chem_comp.id
_chem_comp.type
_chem_comp.name
_chem_comp.formula
ZN non-polymer 'ZINC ION' 'Zn 2'
#
# COMPACT_ATOMS: atom_id res chain seq x y z
N SER A 1 -18.43 -9.74 -4.17
CA SER A 1 -19.75 -9.33 -3.63
C SER A 1 -19.82 -9.58 -2.13
N ASP A 2 -18.97 -10.48 -1.64
CA ASP A 2 -18.92 -10.81 -0.22
C ASP A 2 -17.92 -9.94 0.52
N VAL A 3 -18.12 -8.62 0.43
CA VAL A 3 -17.22 -7.68 1.07
C VAL A 3 -17.45 -7.58 2.57
N LEU A 4 -18.67 -7.88 3.01
CA LEU A 4 -19.00 -7.82 4.44
C LEU A 4 -18.75 -9.11 5.20
N HIS A 5 -17.84 -9.04 6.16
CA HIS A 5 -17.51 -10.20 6.97
C HIS A 5 -17.76 -9.88 8.44
N PRO A 6 -18.17 -10.88 9.22
CA PRO A 6 -18.41 -10.63 10.64
C PRO A 6 -17.20 -11.01 11.46
N TYR A 7 -17.22 -10.62 12.73
CA TYR A 7 -16.17 -10.97 13.67
C TYR A 7 -16.88 -11.29 14.96
N ARG A 8 -16.98 -12.59 15.27
CA ARG A 8 -17.68 -13.03 16.46
C ARG A 8 -19.15 -12.68 16.23
N ASP A 9 -19.71 -11.76 17.01
CA ASP A 9 -21.10 -11.39 16.80
C ASP A 9 -21.24 -9.99 16.19
N LEU A 10 -20.11 -9.37 15.91
CA LEU A 10 -20.10 -8.02 15.33
C LEU A 10 -20.22 -8.12 13.81
N PHE A 11 -21.02 -7.24 13.23
CA PHE A 11 -21.22 -7.23 11.78
C PHE A 11 -21.41 -5.80 11.31
N PRO A 12 -20.91 -5.46 10.11
CA PRO A 12 -21.01 -4.14 9.51
C PRO A 12 -22.40 -3.50 9.48
N GLN A 13 -22.46 -2.20 9.79
CA GLN A 13 -23.71 -1.45 9.77
C GLN A 13 -23.60 -0.47 8.59
N ILE A 14 -24.38 -0.71 7.54
CA ILE A 14 -24.33 0.13 6.34
C ILE A 14 -25.47 1.14 6.20
N GLY A 15 -25.11 2.38 5.84
CA GLY A 15 -26.10 3.42 5.65
C GLY A 15 -26.69 3.50 4.25
N GLN A 16 -27.05 4.70 3.83
CA GLN A 16 -27.65 4.93 2.52
C GLN A 16 -26.67 5.21 1.40
N ARG A 17 -26.98 4.71 0.20
CA ARG A 17 -26.14 4.95 -0.97
C ARG A 17 -24.67 4.73 -0.66
N VAL A 18 -24.36 3.63 0.01
CA VAL A 18 -22.99 3.29 0.36
C VAL A 18 -22.37 2.33 -0.65
N MET A 19 -21.20 2.67 -1.17
CA MET A 19 -20.53 1.80 -2.11
C MET A 19 -19.32 1.11 -1.51
N ILE A 20 -19.20 -0.18 -1.80
CA ILE A 20 -18.07 -0.97 -1.34
C ILE A 20 -17.64 -1.84 -2.51
N ASP A 21 -16.47 -1.54 -3.06
CA ASP A 21 -15.94 -2.30 -4.20
C ASP A 21 -15.92 -3.78 -3.84
N ASP A 22 -16.19 -4.64 -4.83
CA ASP A 22 -16.19 -6.08 -4.61
C ASP A 22 -14.82 -6.62 -4.20
N SER A 23 -13.77 -5.87 -4.50
CA SER A 23 -12.41 -6.31 -4.17
C SER A 23 -12.01 -5.94 -2.75
N SER A 24 -12.83 -5.11 -2.10
CA SER A 24 -12.52 -4.66 -0.75
C SER A 24 -13.02 -5.60 0.35
N VAL A 25 -12.42 -5.47 1.53
CA VAL A 25 -12.73 -6.30 2.68
C VAL A 25 -13.16 -5.48 3.91
N VAL A 26 -14.39 -5.70 4.38
CA VAL A 26 -14.91 -5.00 5.54
C VAL A 26 -15.22 -6.04 6.61
N ILE A 27 -14.51 -5.96 7.74
CA ILE A 27 -14.68 -6.95 8.80
C ILE A 27 -15.12 -6.46 10.17
N GLY A 28 -16.08 -7.19 10.77
CA GLY A 28 -16.55 -6.86 12.10
C GLY A 28 -17.47 -5.67 12.30
N ASP A 29 -17.23 -4.93 13.39
CA ASP A 29 -18.04 -3.77 13.73
C ASP A 29 -17.58 -2.50 13.01
N VAL A 30 -17.93 -2.42 11.73
CA VAL A 30 -17.60 -1.25 10.91
C VAL A 30 -18.93 -0.57 10.59
N ARG A 31 -19.02 0.73 10.86
CA ARG A 31 -20.24 1.48 10.63
C ARG A 31 -20.05 2.52 9.53
N LEU A 32 -20.82 2.38 8.45
CA LEU A 32 -20.72 3.28 7.31
C LEU A 32 -21.96 4.17 7.10
N ALA A 33 -21.80 5.47 7.38
CA ALA A 33 -22.88 6.44 7.22
C ALA A 33 -23.21 6.64 5.74
N ASP A 34 -24.28 7.40 5.48
CA ASP A 34 -24.72 7.69 4.13
C ASP A 34 -23.64 8.21 3.17
N ASP A 35 -23.78 7.87 1.91
CA ASP A 35 -22.87 8.32 0.86
C ASP A 35 -21.40 8.00 1.02
N VAL A 36 -21.07 7.13 1.97
CA VAL A 36 -19.68 6.74 2.16
C VAL A 36 -19.28 5.85 0.98
N GLY A 37 -18.06 6.06 0.49
CA GLY A 37 -17.59 5.26 -0.64
C GLY A 37 -16.30 4.51 -0.35
N ILE A 38 -16.38 3.18 -0.33
CA ILE A 38 -15.20 2.35 -0.08
C ILE A 38 -14.69 1.85 -1.44
N TRP A 39 -13.54 2.36 -1.84
CA TRP A 39 -12.94 2.01 -3.13
C TRP A 39 -12.13 0.69 -3.18
N PRO A 40 -11.69 0.29 -4.40
CA PRO A 40 -10.92 -0.94 -4.61
C PRO A 40 -9.79 -1.31 -3.66
N LEU A 41 -9.74 -2.61 -3.37
CA LEU A 41 -8.74 -3.24 -2.53
C LEU A 41 -8.48 -2.56 -1.19
N VAL A 42 -9.55 -2.18 -0.51
CA VAL A 42 -9.43 -1.55 0.81
C VAL A 42 -9.75 -2.58 1.88
N VAL A 43 -9.14 -2.44 3.04
CA VAL A 43 -9.44 -3.33 4.12
C VAL A 43 -9.77 -2.45 5.32
N ILE A 44 -10.87 -2.77 5.99
CA ILE A 44 -11.33 -2.05 7.17
C ILE A 44 -11.62 -3.12 8.20
N ARG A 45 -10.82 -3.16 9.26
CA ARG A 45 -10.99 -4.18 10.28
C ARG A 45 -11.41 -3.62 11.64
N GLY A 46 -12.66 -3.87 12.01
CA GLY A 46 -13.18 -3.40 13.28
C GLY A 46 -13.49 -4.59 14.16
N ASP A 47 -12.44 -5.30 14.57
CA ASP A 47 -12.60 -6.48 15.40
C ASP A 47 -12.45 -6.26 16.89
N VAL A 48 -11.28 -5.83 17.34
CA VAL A 48 -11.08 -5.59 18.77
C VAL A 48 -11.72 -4.28 19.21
N HIS A 49 -12.21 -3.51 18.24
CA HIS A 49 -12.88 -2.25 18.50
C HIS A 49 -13.59 -1.84 17.20
N TYR A 50 -14.51 -0.88 17.27
CA TYR A 50 -15.26 -0.49 16.07
C TYR A 50 -14.66 0.61 15.21
N VAL A 51 -15.23 0.76 14.03
CA VAL A 51 -14.81 1.78 13.09
C VAL A 51 -16.05 2.54 12.68
N GLN A 52 -16.01 3.86 12.82
CA GLN A 52 -17.15 4.69 12.44
C GLN A 52 -16.68 5.69 11.38
N ILE A 53 -17.39 5.70 10.26
CA ILE A 53 -17.05 6.61 9.17
C ILE A 53 -18.26 7.49 8.83
N GLY A 54 -18.11 8.79 9.06
CA GLY A 54 -19.19 9.73 8.80
C GLY A 54 -19.68 9.77 7.36
N ALA A 55 -20.81 10.43 7.17
CA ALA A 55 -21.46 10.56 5.86
C ALA A 55 -20.63 11.33 4.84
N ARG A 56 -20.77 10.93 3.58
CA ARG A 56 -20.09 11.57 2.45
C ARG A 56 -18.57 11.51 2.51
N THR A 57 -18.04 10.57 3.27
CA THR A 57 -16.60 10.43 3.38
C THR A 57 -16.11 9.34 2.43
N ASN A 58 -14.99 9.59 1.77
CA ASN A 58 -14.44 8.60 0.86
C ASN A 58 -13.15 7.97 1.34
N ILE A 59 -13.07 6.64 1.21
CA ILE A 59 -11.87 5.89 1.59
C ILE A 59 -11.31 5.32 0.28
N GLN A 60 -10.28 5.99 -0.24
CA GLN A 60 -9.68 5.60 -1.51
C GLN A 60 -8.83 4.32 -1.59
N ASP A 61 -8.75 3.81 -2.82
CA ASP A 61 -8.05 2.58 -3.21
C ASP A 61 -6.83 2.21 -2.39
N GLY A 62 -6.76 0.94 -2.00
CA GLY A 62 -5.61 0.45 -1.25
C GLY A 62 -5.38 0.98 0.14
N SER A 63 -6.37 1.66 0.71
CA SER A 63 -6.21 2.16 2.08
C SER A 63 -6.35 1.02 3.08
N MET A 64 -5.77 1.22 4.26
CA MET A 64 -5.79 0.22 5.30
C MET A 64 -6.27 0.89 6.58
N LEU A 65 -7.44 0.48 7.06
CA LEU A 65 -8.01 1.06 8.28
C LEU A 65 -8.15 0.05 9.40
N HIS A 66 -7.55 0.35 10.54
CA HIS A 66 -7.63 -0.55 11.68
C HIS A 66 -7.71 0.21 13.01
N VAL A 67 -8.00 -0.52 14.08
CA VAL A 67 -8.12 0.03 15.41
C VAL A 67 -6.92 -0.35 16.28
N THR A 68 -6.80 0.31 17.42
CA THR A 68 -5.70 0.02 18.33
C THR A 68 -5.76 -1.38 18.91
N HIS A 69 -4.60 -2.02 18.99
CA HIS A 69 -4.48 -3.37 19.51
C HIS A 69 -4.56 -3.37 21.04
N LYS A 70 -5.01 -4.49 21.58
CA LYS A 70 -5.11 -4.65 23.03
C LYS A 70 -3.72 -4.52 23.64
N SER A 71 -3.64 -3.86 24.79
CA SER A 71 -2.36 -3.68 25.48
C SER A 71 -2.53 -2.77 26.70
N GLY A 77 -8.81 -0.76 24.06
CA GLY A 77 -7.92 -0.17 23.06
C GLY A 77 -8.37 1.21 22.65
N ASN A 78 -8.74 1.36 21.37
CA ASN A 78 -9.21 2.64 20.85
C ASN A 78 -9.82 2.45 19.47
N PRO A 79 -11.06 2.92 19.26
CA PRO A 79 -11.71 2.77 17.97
C PRO A 79 -11.18 3.74 16.91
N LEU A 80 -11.60 3.56 15.67
CA LEU A 80 -11.20 4.43 14.58
C LEU A 80 -12.43 5.27 14.26
N THR A 81 -12.31 6.59 14.34
CA THR A 81 -13.44 7.47 14.07
C THR A 81 -13.09 8.48 12.97
N ILE A 82 -13.90 8.51 11.92
CA ILE A 82 -13.68 9.44 10.83
C ILE A 82 -14.94 10.27 10.66
N GLY A 83 -14.79 11.59 10.62
CA GLY A 83 -15.92 12.48 10.48
C GLY A 83 -16.61 12.43 9.13
N GLU A 84 -17.29 13.52 8.79
CA GLU A 84 -18.01 13.60 7.52
C GLU A 84 -17.25 14.40 6.48
N ASP A 85 -17.67 14.24 5.23
CA ASP A 85 -17.03 14.95 4.12
C ASP A 85 -15.51 14.85 4.18
N VAL A 86 -15.02 13.72 4.69
CA VAL A 86 -13.57 13.52 4.78
C VAL A 86 -13.06 12.82 3.53
N THR A 87 -11.84 13.18 3.11
CA THR A 87 -11.23 12.56 1.93
C THR A 87 -9.95 11.81 2.32
N VAL A 88 -10.04 10.48 2.38
CA VAL A 88 -8.89 9.64 2.72
C VAL A 88 -8.24 9.21 1.40
N GLY A 89 -7.01 9.66 1.18
CA GLY A 89 -6.31 9.35 -0.05
C GLY A 89 -5.86 7.91 -0.24
N HIS A 90 -5.50 7.60 -1.49
CA HIS A 90 -5.03 6.27 -1.89
C HIS A 90 -4.00 5.74 -0.92
N LYS A 91 -4.00 4.42 -0.75
CA LYS A 91 -3.06 3.72 0.13
C LYS A 91 -2.79 4.37 1.48
N VAL A 92 -3.75 5.08 2.04
CA VAL A 92 -3.53 5.70 3.34
C VAL A 92 -3.74 4.69 4.45
N MET A 93 -2.95 4.82 5.51
CA MET A 93 -3.06 3.91 6.64
C MET A 93 -3.60 4.66 7.85
N LEU A 94 -4.75 4.21 8.36
CA LEU A 94 -5.38 4.82 9.51
C LEU A 94 -5.40 3.77 10.62
N HIS A 95 -4.92 4.14 11.81
CA HIS A 95 -4.85 3.19 12.89
C HIS A 95 -5.25 3.72 14.27
N GLY A 96 -6.42 3.34 14.73
CA GLY A 96 -6.89 3.79 16.04
C GLY A 96 -6.82 5.29 16.25
N CYS A 97 -7.11 6.07 15.21
CA CYS A 97 -7.07 7.52 15.33
C CYS A 97 -8.44 8.16 15.18
N THR A 98 -8.47 9.49 15.24
CA THR A 98 -9.71 10.25 15.14
C THR A 98 -9.57 11.40 14.15
N ILE A 99 -10.44 11.44 13.16
CA ILE A 99 -10.41 12.50 12.16
C ILE A 99 -11.75 13.24 12.20
N GLY A 100 -11.67 14.57 12.29
CA GLY A 100 -12.88 15.38 12.33
C GLY A 100 -13.58 15.47 10.99
N ASN A 101 -14.31 16.56 10.80
CA ASN A 101 -15.03 16.76 9.55
C ASN A 101 -14.22 17.59 8.55
N ARG A 102 -14.48 17.36 7.27
CA ARG A 102 -13.81 18.08 6.20
C ARG A 102 -12.29 18.06 6.37
N VAL A 103 -11.72 16.88 6.18
CA VAL A 103 -10.28 16.70 6.28
C VAL A 103 -9.81 15.91 5.06
N LEU A 104 -8.67 16.28 4.51
CA LEU A 104 -8.14 15.55 3.37
C LEU A 104 -6.82 14.91 3.78
N VAL A 105 -6.80 13.59 3.79
CA VAL A 105 -5.59 12.87 4.16
C VAL A 105 -4.85 12.53 2.86
N GLY A 106 -3.69 13.17 2.66
CA GLY A 106 -2.90 12.93 1.45
C GLY A 106 -2.47 11.49 1.26
N MET A 107 -2.62 10.99 0.04
CA MET A 107 -2.26 9.62 -0.30
C MET A 107 -0.92 9.17 0.25
N GLY A 108 -0.87 7.90 0.64
CA GLY A 108 0.36 7.34 1.17
C GLY A 108 0.65 7.69 2.61
N SER A 109 -0.09 8.63 3.18
CA SER A 109 0.15 9.03 4.56
C SER A 109 -0.17 7.95 5.59
N ILE A 110 0.41 8.10 6.77
CA ILE A 110 0.16 7.15 7.84
C ILE A 110 -0.22 7.90 9.11
N LEU A 111 -1.40 7.58 9.65
CA LEU A 111 -1.91 8.20 10.88
C LEU A 111 -1.97 7.13 11.96
N LEU A 112 -1.16 7.31 12.99
CA LEU A 112 -1.04 6.35 14.07
C LEU A 112 -2.03 6.48 15.23
N ASP A 113 -1.95 5.51 16.15
CA ASP A 113 -2.83 5.42 17.31
C ASP A 113 -2.96 6.69 18.15
N GLY A 114 -4.21 7.01 18.49
CA GLY A 114 -4.49 8.18 19.31
C GLY A 114 -4.37 9.53 18.62
N ALA A 115 -3.92 9.56 17.37
CA ALA A 115 -3.80 10.83 16.67
C ALA A 115 -5.20 11.44 16.58
N ILE A 116 -5.28 12.75 16.73
CA ILE A 116 -6.56 13.46 16.68
C ILE A 116 -6.48 14.61 15.68
N VAL A 117 -7.18 14.48 14.58
CA VAL A 117 -7.19 15.52 13.56
C VAL A 117 -8.49 16.31 13.67
N GLU A 118 -8.38 17.62 13.85
CA GLU A 118 -9.55 18.48 13.98
C GLU A 118 -10.14 18.79 12.61
N ASP A 119 -11.26 19.50 12.61
CA ASP A 119 -11.95 19.86 11.37
C ASP A 119 -11.12 20.75 10.44
N ASP A 120 -11.51 20.78 9.18
CA ASP A 120 -10.85 21.61 8.16
C ASP A 120 -9.34 21.55 8.20
N VAL A 121 -8.78 20.39 7.88
CA VAL A 121 -7.35 20.21 7.89
C VAL A 121 -6.86 19.52 6.62
N MET A 122 -5.64 19.82 6.22
CA MET A 122 -5.07 19.19 5.04
C MET A 122 -3.72 18.58 5.41
N ILE A 123 -3.54 17.32 5.05
CA ILE A 123 -2.32 16.58 5.30
C ILE A 123 -1.70 16.21 3.96
N GLY A 124 -0.45 16.62 3.76
CA GLY A 124 0.24 16.34 2.51
C GLY A 124 0.47 14.86 2.22
N ALA A 125 0.59 14.52 0.93
CA ALA A 125 0.80 13.15 0.53
C ALA A 125 2.04 12.57 1.21
N GLY A 126 2.01 11.27 1.48
CA GLY A 126 3.13 10.60 2.12
C GLY A 126 3.55 11.08 3.50
N SER A 127 2.62 11.68 4.25
CA SER A 127 2.94 12.16 5.58
C SER A 127 2.80 11.10 6.67
N LEU A 128 3.38 11.38 7.83
CA LEU A 128 3.29 10.46 8.96
C LEU A 128 2.87 11.20 10.23
N VAL A 129 1.69 10.88 10.74
CA VAL A 129 1.21 11.51 11.96
C VAL A 129 1.47 10.59 13.14
N PRO A 130 2.42 10.96 14.01
CA PRO A 130 2.78 10.17 15.19
C PRO A 130 1.68 9.95 16.23
N GLN A 131 1.84 8.90 17.03
CA GLN A 131 0.86 8.57 18.06
C GLN A 131 0.45 9.74 18.95
N ASN A 132 -0.85 9.81 19.25
CA ASN A 132 -1.43 10.84 20.10
C ASN A 132 -1.17 12.27 19.65
N LYS A 133 -0.76 12.46 18.41
CA LYS A 133 -0.50 13.80 17.90
C LYS A 133 -1.82 14.45 17.49
N ARG A 134 -2.02 15.68 17.94
CA ARG A 134 -3.23 16.42 17.61
C ARG A 134 -2.93 17.39 16.49
N LEU A 135 -3.76 17.39 15.46
CA LEU A 135 -3.58 18.32 14.36
C LEU A 135 -4.60 19.43 14.53
N GLU A 136 -4.09 20.63 14.76
CA GLU A 136 -4.91 21.80 14.97
C GLU A 136 -5.75 22.17 13.75
N SER A 137 -6.99 22.60 14.00
CA SER A 137 -7.92 22.98 12.95
C SER A 137 -7.46 24.10 12.01
N GLY A 138 -7.76 23.94 10.73
CA GLY A 138 -7.43 24.96 9.75
C GLY A 138 -6.00 25.07 9.24
N TYR A 139 -5.19 24.04 9.41
CA TYR A 139 -3.83 24.11 8.94
C TYR A 139 -3.47 22.99 7.97
N LEU A 140 -2.31 23.16 7.35
CA LEU A 140 -1.75 22.18 6.42
C LEU A 140 -0.58 21.53 7.14
N TYR A 141 -0.56 20.21 7.18
CA TYR A 141 0.52 19.50 7.82
C TYR A 141 1.25 18.65 6.77
N LEU A 142 2.57 18.71 6.80
CA LEU A 142 3.40 17.99 5.84
C LEU A 142 4.63 17.36 6.47
N GLY A 143 5.10 16.25 5.91
CA GLY A 143 6.29 15.61 6.41
C GLY A 143 6.12 14.32 7.19
N SER A 144 7.26 13.69 7.44
CA SER A 144 7.31 12.45 8.18
C SER A 144 8.42 12.57 9.22
N PRO A 145 8.05 12.89 10.48
CA PRO A 145 6.67 13.12 10.94
C PRO A 145 6.23 14.54 10.56
N VAL A 146 4.91 14.74 10.46
CA VAL A 146 4.35 16.04 10.07
C VAL A 146 4.68 17.25 10.93
N LYS A 147 4.71 18.40 10.28
CA LYS A 147 4.96 19.69 10.92
C LYS A 147 3.83 20.62 10.46
N GLN A 148 3.41 21.52 11.33
CA GLN A 148 2.36 22.48 10.98
C GLN A 148 3.02 23.51 10.08
N ILE A 149 2.59 23.53 8.82
CA ILE A 149 3.17 24.45 7.84
C ILE A 149 2.62 25.87 7.89
N ARG A 150 1.32 26.00 7.63
CA ARG A 150 0.66 27.30 7.59
C ARG A 150 -0.86 27.12 7.59
N PRO A 151 -1.61 28.22 7.78
CA PRO A 151 -3.07 28.12 7.78
C PRO A 151 -3.56 27.84 6.35
N LEU A 152 -4.66 27.12 6.22
CA LEU A 152 -5.20 26.83 4.90
C LEU A 152 -5.91 28.10 4.46
N SER A 153 -5.85 28.41 3.16
CA SER A 153 -6.52 29.59 2.65
C SER A 153 -8.01 29.29 2.60
N ASP A 154 -8.81 30.28 2.24
CA ASP A 154 -10.26 30.07 2.15
C ASP A 154 -10.56 29.13 1.00
N GLU A 155 -9.80 29.26 -0.07
CA GLU A 155 -10.02 28.42 -1.21
C GLU A 155 -9.70 26.98 -0.85
N GLU A 156 -8.61 26.78 -0.12
CA GLU A 156 -8.22 25.45 0.30
C GLU A 156 -9.31 24.81 1.15
N LYS A 157 -9.84 25.58 2.10
CA LYS A 157 -10.90 25.06 2.95
C LYS A 157 -12.08 24.68 2.07
N ALA A 158 -12.39 25.53 1.11
CA ALA A 158 -13.49 25.25 0.20
C ALA A 158 -13.14 23.97 -0.53
N GLY A 159 -11.87 23.83 -0.90
CA GLY A 159 -11.42 22.65 -1.60
C GLY A 159 -11.77 21.34 -0.90
N LEU A 160 -11.72 21.36 0.43
CA LEU A 160 -12.02 20.16 1.20
C LEU A 160 -13.44 19.68 0.92
N ARG A 161 -14.38 20.62 0.81
CA ARG A 161 -15.77 20.29 0.54
C ARG A 161 -15.94 19.83 -0.90
N TYR A 162 -15.28 20.50 -1.83
CA TYR A 162 -15.39 20.12 -3.22
C TYR A 162 -14.85 18.71 -3.43
N SER A 163 -13.77 18.38 -2.73
CA SER A 163 -13.20 17.05 -2.88
C SER A 163 -14.20 15.97 -2.44
N ALA A 164 -14.76 16.13 -1.23
CA ALA A 164 -15.73 15.16 -0.75
C ALA A 164 -16.92 15.07 -1.71
N ASN A 165 -17.38 16.22 -2.18
CA ASN A 165 -18.51 16.29 -3.10
C ASN A 165 -18.25 15.51 -4.38
N ASN A 166 -17.06 15.71 -4.96
CA ASN A 166 -16.71 14.99 -6.18
C ASN A 166 -16.71 13.48 -5.98
N TYR A 167 -16.09 13.01 -4.90
CA TYR A 167 -16.05 11.58 -4.67
C TYR A 167 -17.42 10.98 -4.40
N VAL A 168 -18.33 11.79 -3.85
CA VAL A 168 -19.68 11.30 -3.61
C VAL A 168 -20.33 11.04 -4.99
N LYS A 169 -20.12 11.95 -5.94
CA LYS A 169 -20.68 11.78 -7.28
C LYS A 169 -20.08 10.58 -8.00
N TRP A 170 -18.74 10.48 -8.00
CA TRP A 170 -18.06 9.39 -8.67
C TRP A 170 -18.51 8.06 -8.10
N LYS A 171 -18.71 8.01 -6.79
CA LYS A 171 -19.18 6.81 -6.12
C LYS A 171 -20.53 6.40 -6.69
N ASP A 172 -21.45 7.36 -6.82
CA ASP A 172 -22.78 7.08 -7.34
C ASP A 172 -22.75 6.63 -8.80
N GLU A 173 -21.74 7.04 -9.55
CA GLU A 173 -21.67 6.61 -10.93
C GLU A 173 -21.39 5.13 -10.97
N TYR A 174 -20.63 4.66 -9.98
CA TYR A 174 -20.32 3.24 -9.92
C TYR A 174 -21.57 2.50 -9.43
N LEU A 175 -22.30 3.14 -8.51
CA LEU A 175 -23.51 2.53 -7.99
C LEU A 175 -24.52 2.44 -9.12
N ASP A 176 -24.46 3.39 -10.04
CA ASP A 176 -25.38 3.40 -11.16
C ASP A 176 -25.09 2.25 -12.12
N GLN A 177 -23.83 2.13 -12.54
CA GLN A 177 -23.43 1.08 -13.47
C GLN A 177 -23.79 -0.31 -12.94
N GLY A 178 -23.74 -0.46 -11.61
CA GLY A 178 -24.06 -1.73 -10.98
C GLY A 178 -25.56 -1.97 -11.06
N ASN A 179 -26.34 -1.15 -10.36
CA ASN A 179 -27.79 -1.29 -10.36
C ASN A 179 -28.37 -0.74 -11.66
N ASP B 2 -15.10 -9.70 -13.13
CA ASP B 2 -13.75 -10.32 -13.05
C ASP B 2 -12.70 -9.25 -12.75
N VAL B 3 -11.82 -8.96 -13.70
CA VAL B 3 -10.78 -7.95 -13.48
C VAL B 3 -10.97 -6.66 -14.28
N LEU B 4 -11.56 -6.77 -15.47
CA LEU B 4 -11.81 -5.60 -16.32
C LEU B 4 -13.19 -5.02 -16.05
N HIS B 5 -13.22 -3.74 -15.65
CA HIS B 5 -14.47 -3.07 -15.34
C HIS B 5 -14.64 -1.78 -16.15
N PRO B 6 -15.88 -1.44 -16.50
CA PRO B 6 -16.12 -0.22 -17.28
C PRO B 6 -16.37 0.99 -16.39
N TYR B 7 -16.37 2.16 -17.03
CA TYR B 7 -16.63 3.42 -16.39
C TYR B 7 -17.23 4.26 -17.52
N ARG B 8 -18.51 4.61 -17.38
CA ARG B 8 -19.19 5.34 -18.44
C ARG B 8 -19.20 4.38 -19.62
N ASP B 9 -18.76 4.83 -20.77
CA ASP B 9 -18.73 3.97 -21.95
C ASP B 9 -17.31 3.43 -22.15
N LEU B 10 -16.39 3.90 -21.32
CA LEU B 10 -14.98 3.51 -21.39
C LEU B 10 -14.69 2.11 -20.83
N PHE B 11 -13.86 1.36 -21.56
CA PHE B 11 -13.50 0.00 -21.17
C PHE B 11 -12.03 -0.25 -21.50
N PRO B 12 -11.30 -0.98 -20.64
CA PRO B 12 -9.89 -1.26 -20.89
C PRO B 12 -9.57 -1.86 -22.25
N GLN B 13 -8.52 -1.34 -22.87
CA GLN B 13 -8.06 -1.80 -24.18
C GLN B 13 -6.82 -2.65 -23.89
N ILE B 14 -6.86 -3.92 -24.26
CA ILE B 14 -5.75 -4.81 -23.99
C ILE B 14 -4.96 -5.24 -25.23
N GLY B 15 -3.67 -5.46 -25.04
CA GLY B 15 -2.81 -5.87 -26.15
C GLY B 15 -2.57 -7.37 -26.12
N GLN B 16 -1.45 -7.79 -26.71
CA GLN B 16 -1.09 -9.19 -26.78
C GLN B 16 -0.20 -9.62 -25.63
N ARG B 17 -0.30 -10.89 -25.26
CA ARG B 17 0.49 -11.47 -24.18
C ARG B 17 0.46 -10.63 -22.89
N VAL B 18 -0.68 -9.96 -22.68
CA VAL B 18 -0.85 -9.13 -21.49
C VAL B 18 -1.33 -9.99 -20.32
N MET B 19 -0.68 -9.83 -19.17
CA MET B 19 -1.10 -10.57 -17.98
C MET B 19 -1.73 -9.62 -16.96
N ILE B 20 -2.82 -10.08 -16.35
CA ILE B 20 -3.51 -9.31 -15.32
C ILE B 20 -3.99 -10.30 -14.28
N ASP B 21 -3.29 -10.36 -13.14
CA ASP B 21 -3.65 -11.29 -12.07
C ASP B 21 -5.12 -11.15 -11.75
N ASP B 22 -5.78 -12.26 -11.42
CA ASP B 22 -7.20 -12.21 -11.09
C ASP B 22 -7.55 -11.41 -9.84
N SER B 23 -6.56 -11.14 -8.99
CA SER B 23 -6.80 -10.38 -7.76
C SER B 23 -6.70 -8.88 -7.93
N SER B 24 -6.39 -8.44 -9.16
CA SER B 24 -6.26 -7.03 -9.44
C SER B 24 -7.49 -6.42 -10.06
N VAL B 25 -7.55 -5.09 -10.08
CA VAL B 25 -8.68 -4.36 -10.61
C VAL B 25 -8.25 -3.33 -11.65
N VAL B 26 -8.87 -3.38 -12.82
CA VAL B 26 -8.56 -2.45 -13.91
C VAL B 26 -9.87 -1.83 -14.41
N ILE B 27 -10.01 -0.52 -14.21
CA ILE B 27 -11.23 0.19 -14.56
C ILE B 27 -11.11 1.31 -15.59
N GLY B 28 -12.14 1.43 -16.42
CA GLY B 28 -12.20 2.49 -17.41
C GLY B 28 -11.22 2.54 -18.57
N ASP B 29 -10.88 3.77 -18.95
CA ASP B 29 -9.98 4.06 -20.06
C ASP B 29 -8.54 3.71 -19.75
N VAL B 30 -8.23 2.42 -19.75
CA VAL B 30 -6.88 1.95 -19.47
C VAL B 30 -6.36 1.16 -20.68
N ARG B 31 -5.23 1.61 -21.20
CA ARG B 31 -4.62 0.96 -22.37
C ARG B 31 -3.33 0.23 -22.01
N LEU B 32 -3.32 -1.08 -22.21
CA LEU B 32 -2.14 -1.88 -21.91
C LEU B 32 -1.54 -2.39 -23.22
N ALA B 33 -0.35 -1.91 -23.56
CA ALA B 33 0.33 -2.34 -24.78
C ALA B 33 0.82 -3.78 -24.63
N ASP B 34 1.33 -4.35 -25.71
CA ASP B 34 1.79 -5.73 -25.67
C ASP B 34 2.80 -5.99 -24.57
N ASP B 35 2.79 -7.22 -24.08
CA ASP B 35 3.71 -7.67 -23.05
C ASP B 35 3.69 -6.94 -21.71
N VAL B 36 2.61 -6.24 -21.43
CA VAL B 36 2.48 -5.54 -20.16
C VAL B 36 2.01 -6.58 -19.13
N GLY B 37 2.60 -6.56 -17.95
CA GLY B 37 2.20 -7.51 -16.92
C GLY B 37 1.71 -6.82 -15.67
N ILE B 38 0.47 -7.11 -15.28
CA ILE B 38 -0.14 -6.52 -14.07
C ILE B 38 -0.14 -7.61 -13.01
N TRP B 39 0.61 -7.38 -11.93
CA TRP B 39 0.72 -8.35 -10.85
C TRP B 39 -0.39 -8.28 -9.79
N PRO B 40 -0.35 -9.18 -8.79
CA PRO B 40 -1.36 -9.23 -7.71
C PRO B 40 -1.68 -7.96 -6.90
N LEU B 41 -2.95 -7.84 -6.54
CA LEU B 41 -3.46 -6.74 -5.75
C LEU B 41 -3.04 -5.35 -6.23
N VAL B 42 -3.24 -5.13 -7.53
CA VAL B 42 -2.92 -3.85 -8.12
C VAL B 42 -4.23 -3.23 -8.58
N VAL B 43 -4.33 -1.91 -8.48
CA VAL B 43 -5.52 -1.20 -8.93
C VAL B 43 -5.12 -0.13 -9.93
N ILE B 44 -5.77 -0.12 -11.08
CA ILE B 44 -5.51 0.86 -12.13
C ILE B 44 -6.88 1.44 -12.47
N ARG B 45 -7.11 2.68 -12.06
CA ARG B 45 -8.39 3.32 -12.28
C ARG B 45 -8.29 4.51 -13.22
N GLY B 46 -8.61 4.28 -14.49
CA GLY B 46 -8.56 5.36 -15.46
C GLY B 46 -9.98 5.85 -15.74
N ASP B 47 -10.65 6.32 -14.69
CA ASP B 47 -12.03 6.77 -14.81
C ASP B 47 -12.21 8.24 -15.18
N VAL B 48 -11.74 9.15 -14.34
CA VAL B 48 -11.89 10.58 -14.62
C VAL B 48 -10.89 11.05 -15.68
N HIS B 49 -10.02 10.15 -16.11
CA HIS B 49 -9.03 10.46 -17.14
C HIS B 49 -8.41 9.14 -17.58
N TYR B 50 -7.66 9.14 -18.66
CA TYR B 50 -7.08 7.91 -19.17
C TYR B 50 -5.74 7.50 -18.56
N VAL B 51 -5.41 6.23 -18.72
CA VAL B 51 -4.15 5.66 -18.25
C VAL B 51 -3.58 4.86 -19.40
N GLN B 52 -2.43 5.30 -19.92
CA GLN B 52 -1.78 4.64 -21.04
C GLN B 52 -0.46 4.04 -20.59
N ILE B 53 -0.31 2.75 -20.85
CA ILE B 53 0.87 2.02 -20.45
C ILE B 53 1.56 1.39 -21.64
N GLY B 54 2.86 1.69 -21.76
CA GLY B 54 3.66 1.19 -22.86
C GLY B 54 3.99 -0.29 -22.82
N ALA B 55 4.56 -0.78 -23.92
CA ALA B 55 4.92 -2.18 -24.08
C ALA B 55 6.03 -2.67 -23.16
N ARG B 56 5.91 -3.94 -22.76
CA ARG B 56 6.87 -4.59 -21.88
C ARG B 56 7.09 -3.90 -20.53
N THR B 57 6.07 -3.17 -20.07
CA THR B 57 6.13 -2.48 -18.79
C THR B 57 5.46 -3.36 -17.72
N ASN B 58 6.08 -3.45 -16.56
CA ASN B 58 5.50 -4.26 -15.49
C ASN B 58 5.06 -3.42 -14.30
N ILE B 59 3.84 -3.67 -13.85
CA ILE B 59 3.26 -2.98 -12.71
C ILE B 59 3.22 -4.02 -11.59
N GLN B 60 4.16 -3.89 -10.66
CA GLN B 60 4.29 -4.84 -9.56
C GLN B 60 3.27 -4.81 -8.41
N ASP B 61 3.21 -5.94 -7.72
CA ASP B 61 2.28 -6.21 -6.61
C ASP B 61 1.94 -5.02 -5.71
N GLY B 62 0.64 -4.81 -5.50
CA GLY B 62 0.19 -3.74 -4.62
C GLY B 62 0.27 -2.31 -5.13
N SER B 63 0.67 -2.13 -6.38
CA SER B 63 0.77 -0.78 -6.94
C SER B 63 -0.63 -0.17 -7.08
N MET B 64 -0.67 1.16 -7.11
CA MET B 64 -1.93 1.88 -7.23
C MET B 64 -1.77 3.00 -8.26
N LEU B 65 -2.59 2.96 -9.31
CA LEU B 65 -2.50 3.97 -10.37
C LEU B 65 -3.81 4.73 -10.58
N HIS B 66 -3.72 6.06 -10.54
CA HIS B 66 -4.89 6.87 -10.74
C HIS B 66 -4.55 8.17 -11.45
N VAL B 67 -5.55 9.01 -11.64
CA VAL B 67 -5.39 10.28 -12.34
C VAL B 67 -6.22 11.34 -11.65
N THR B 68 -6.17 12.56 -12.19
CA THR B 68 -6.93 13.68 -11.66
C THR B 68 -7.91 14.16 -12.73
N HIS B 69 -9.12 14.52 -12.31
CA HIS B 69 -10.16 14.97 -13.23
C HIS B 69 -9.95 16.39 -13.77
N LYS B 70 -10.52 16.66 -14.94
CA LYS B 70 -10.42 17.98 -15.58
C LYS B 70 -11.27 18.95 -14.77
N SER B 71 -10.66 19.99 -14.23
CA SER B 71 -11.40 20.97 -13.43
C SER B 71 -11.17 22.41 -13.90
N SER B 72 -11.69 23.36 -13.13
CA SER B 72 -11.58 24.78 -13.44
C SER B 72 -10.15 25.28 -13.65
N TYR B 73 -9.32 25.21 -12.60
CA TYR B 73 -7.94 25.66 -12.73
C TYR B 73 -7.09 24.55 -13.34
N ASN B 74 -7.64 23.35 -13.39
CA ASN B 74 -6.95 22.20 -13.96
C ASN B 74 -7.81 21.61 -15.07
N PRO B 75 -8.08 22.40 -16.12
CA PRO B 75 -8.90 21.98 -17.27
C PRO B 75 -8.44 20.73 -18.00
N ASP B 76 -7.12 20.51 -18.03
CA ASP B 76 -6.56 19.34 -18.69
C ASP B 76 -6.57 18.14 -17.76
N GLY B 77 -6.63 18.42 -16.46
CA GLY B 77 -6.59 17.33 -15.50
C GLY B 77 -5.21 16.74 -15.64
N ASN B 78 -5.05 15.50 -15.18
CA ASN B 78 -3.75 14.84 -15.30
C ASN B 78 -3.92 13.36 -15.57
N PRO B 79 -3.72 12.95 -16.84
CA PRO B 79 -3.84 11.55 -17.19
C PRO B 79 -2.53 10.85 -16.79
N LEU B 80 -2.52 9.54 -16.77
CA LEU B 80 -1.31 8.79 -16.41
C LEU B 80 -0.71 8.12 -17.65
N THR B 81 0.54 8.48 -17.98
CA THR B 81 1.19 7.91 -19.15
C THR B 81 2.50 7.23 -18.79
N ILE B 82 2.66 5.99 -19.23
CA ILE B 82 3.85 5.22 -18.94
C ILE B 82 4.43 4.64 -20.22
N GLY B 83 5.72 4.89 -20.45
CA GLY B 83 6.38 4.38 -21.64
C GLY B 83 6.54 2.88 -21.67
N GLU B 84 7.54 2.40 -22.41
CA GLU B 84 7.78 0.97 -22.53
C GLU B 84 9.02 0.57 -21.76
N ASP B 85 9.17 -0.73 -21.49
CA ASP B 85 10.32 -1.24 -20.76
C ASP B 85 10.41 -0.54 -19.40
N VAL B 86 9.26 -0.26 -18.82
CA VAL B 86 9.19 0.40 -17.54
C VAL B 86 8.95 -0.63 -16.43
N THR B 87 9.69 -0.48 -15.34
CA THR B 87 9.55 -1.38 -14.21
C THR B 87 8.98 -0.60 -13.02
N VAL B 88 7.70 -0.82 -12.73
CA VAL B 88 7.07 -0.14 -11.61
C VAL B 88 7.09 -1.10 -10.42
N GLY B 89 7.86 -0.76 -9.40
CA GLY B 89 7.99 -1.62 -8.23
C GLY B 89 6.76 -1.84 -7.37
N HIS B 90 6.88 -2.79 -6.46
CA HIS B 90 5.81 -3.13 -5.54
C HIS B 90 5.32 -1.91 -4.78
N LYS B 91 4.01 -1.91 -4.52
CA LYS B 91 3.33 -0.85 -3.78
C LYS B 91 3.68 0.57 -4.20
N VAL B 92 3.88 0.78 -5.49
CA VAL B 92 4.18 2.11 -5.99
C VAL B 92 2.88 2.86 -6.20
N MET B 93 2.90 4.17 -5.95
CA MET B 93 1.73 5.02 -6.10
C MET B 93 1.99 5.97 -7.27
N LEU B 94 1.28 5.76 -8.38
CA LEU B 94 1.46 6.62 -9.53
C LEU B 94 0.19 7.43 -9.71
N HIS B 95 0.32 8.74 -9.73
CA HIS B 95 -0.85 9.58 -9.83
C HIS B 95 -0.72 10.74 -10.81
N GLY B 96 -1.41 10.62 -11.93
CA GLY B 96 -1.40 11.66 -12.94
C GLY B 96 -0.04 12.20 -13.35
N CYS B 97 0.94 11.31 -13.48
CA CYS B 97 2.29 11.72 -13.88
C CYS B 97 2.61 11.15 -15.26
N THR B 98 3.80 11.47 -15.76
CA THR B 98 4.23 11.00 -17.07
C THR B 98 5.61 10.36 -16.99
N ILE B 99 5.70 9.10 -17.39
CA ILE B 99 6.95 8.36 -17.34
C ILE B 99 7.40 7.91 -18.72
N GLY B 100 8.63 8.25 -19.09
CA GLY B 100 9.16 7.87 -20.39
C GLY B 100 9.42 6.37 -20.52
N ASN B 101 10.47 6.01 -21.26
CA ASN B 101 10.83 4.62 -21.47
C ASN B 101 12.02 4.23 -20.61
N ARG B 102 12.20 2.93 -20.41
CA ARG B 102 13.32 2.40 -19.64
C ARG B 102 13.53 3.18 -18.35
N VAL B 103 12.54 3.10 -17.47
CA VAL B 103 12.59 3.77 -16.17
C VAL B 103 12.28 2.74 -15.12
N LEU B 104 12.89 2.88 -13.94
CA LEU B 104 12.63 1.97 -12.85
C LEU B 104 12.21 2.77 -11.62
N VAL B 105 10.95 2.59 -11.22
CA VAL B 105 10.40 3.28 -10.06
C VAL B 105 10.47 2.33 -8.86
N GLY B 106 11.42 2.59 -7.98
CA GLY B 106 11.60 1.75 -6.79
C GLY B 106 10.33 1.50 -6.02
N MET B 107 10.24 0.29 -5.44
CA MET B 107 9.08 -0.10 -4.66
C MET B 107 8.80 0.89 -3.55
N GLY B 108 7.52 1.14 -3.29
CA GLY B 108 7.11 2.05 -2.24
C GLY B 108 7.14 3.53 -2.55
N SER B 109 7.57 3.89 -3.76
CA SER B 109 7.63 5.29 -4.14
C SER B 109 6.27 5.86 -4.48
N ILE B 110 6.17 7.18 -4.43
CA ILE B 110 4.94 7.89 -4.72
C ILE B 110 5.26 9.00 -5.71
N LEU B 111 4.62 8.95 -6.88
CA LEU B 111 4.83 9.97 -7.90
C LEU B 111 3.52 10.73 -8.03
N LEU B 112 3.58 12.03 -7.75
CA LEU B 112 2.38 12.86 -7.82
C LEU B 112 2.13 13.51 -9.18
N ASP B 113 0.95 14.13 -9.28
CA ASP B 113 0.47 14.78 -10.49
C ASP B 113 1.41 15.80 -11.11
N GLY B 114 1.53 15.74 -12.43
CA GLY B 114 2.36 16.69 -13.16
C GLY B 114 3.82 16.31 -13.22
N ALA B 115 4.22 15.30 -12.45
CA ALA B 115 5.62 14.90 -12.46
C ALA B 115 5.94 14.31 -13.82
N ILE B 116 7.16 14.54 -14.29
CA ILE B 116 7.58 14.00 -15.58
C ILE B 116 8.92 13.29 -15.42
N VAL B 117 8.94 11.99 -15.70
CA VAL B 117 10.18 11.21 -15.59
C VAL B 117 10.69 10.88 -16.99
N GLU B 118 11.83 11.48 -17.36
CA GLU B 118 12.44 11.26 -18.67
C GLU B 118 12.98 9.84 -18.78
N ASP B 119 13.32 9.42 -20.01
CA ASP B 119 13.84 8.08 -20.25
C ASP B 119 15.10 7.75 -19.45
N ASP B 120 15.37 6.45 -19.31
CA ASP B 120 16.56 5.97 -18.62
C ASP B 120 16.78 6.65 -17.28
N VAL B 121 15.80 6.50 -16.40
CA VAL B 121 15.85 7.09 -15.07
C VAL B 121 15.60 6.02 -14.01
N MET B 122 16.29 6.15 -12.88
CA MET B 122 16.09 5.19 -11.82
C MET B 122 15.65 5.95 -10.58
N ILE B 123 14.62 5.43 -9.92
CA ILE B 123 14.11 6.06 -8.71
C ILE B 123 14.20 5.08 -7.54
N GLY B 124 14.85 5.51 -6.47
CA GLY B 124 15.02 4.68 -5.30
C GLY B 124 13.73 4.34 -4.58
N ALA B 125 13.72 3.20 -3.90
CA ALA B 125 12.55 2.75 -3.15
C ALA B 125 12.14 3.76 -2.10
N GLY B 126 10.83 3.82 -1.83
CA GLY B 126 10.31 4.72 -0.82
C GLY B 126 10.49 6.20 -1.10
N SER B 127 10.69 6.57 -2.37
CA SER B 127 10.87 7.98 -2.73
C SER B 127 9.54 8.70 -2.94
N LEU B 128 9.60 10.03 -2.92
CA LEU B 128 8.41 10.86 -3.13
C LEU B 128 8.76 11.88 -4.22
N VAL B 129 8.04 11.83 -5.32
CA VAL B 129 8.26 12.76 -6.41
C VAL B 129 7.14 13.80 -6.36
N PRO B 130 7.50 15.05 -6.01
CA PRO B 130 6.58 16.19 -5.89
C PRO B 130 5.84 16.48 -7.19
N GLN B 131 4.71 17.18 -7.08
CA GLN B 131 3.91 17.52 -8.25
C GLN B 131 4.74 18.38 -9.19
N ASN B 132 4.50 18.20 -10.49
CA ASN B 132 5.20 18.96 -11.52
C ASN B 132 6.71 18.85 -11.44
N LYS B 133 7.22 17.82 -10.77
CA LYS B 133 8.66 17.63 -10.66
C LYS B 133 9.12 16.88 -11.89
N ARG B 134 10.14 17.39 -12.56
CA ARG B 134 10.69 16.74 -13.75
C ARG B 134 11.99 16.05 -13.42
N LEU B 135 12.11 14.77 -13.79
CA LEU B 135 13.33 14.03 -13.53
C LEU B 135 14.14 13.88 -14.82
N GLU B 136 15.26 14.59 -14.87
CA GLU B 136 16.17 14.59 -16.01
C GLU B 136 16.72 13.21 -16.34
N SER B 137 16.67 12.89 -17.63
CA SER B 137 17.12 11.60 -18.15
C SER B 137 18.53 11.15 -17.75
N GLY B 138 18.69 9.83 -17.56
CA GLY B 138 19.98 9.26 -17.23
C GLY B 138 20.49 9.37 -15.79
N TYR B 139 19.62 9.78 -14.87
CA TYR B 139 20.04 9.93 -13.49
C TYR B 139 19.34 9.01 -12.50
N LEU B 140 19.84 9.05 -11.27
CA LEU B 140 19.30 8.27 -10.16
C LEU B 140 18.77 9.28 -9.15
N TYR B 141 17.52 9.12 -8.74
CA TYR B 141 16.93 10.03 -7.77
C TYR B 141 16.51 9.21 -6.56
N LEU B 142 16.61 9.82 -5.39
CA LEU B 142 16.23 9.14 -4.16
C LEU B 142 15.83 10.16 -3.10
N GLY B 143 15.00 9.73 -2.16
CA GLY B 143 14.58 10.61 -1.09
C GLY B 143 13.12 11.04 -1.11
N SER B 144 12.72 11.70 -0.03
CA SER B 144 11.36 12.19 0.12
C SER B 144 11.41 13.61 0.70
N PRO B 145 11.32 14.61 -0.18
CA PRO B 145 11.20 14.51 -1.63
C PRO B 145 12.50 14.08 -2.29
N VAL B 146 12.40 13.42 -3.43
CA VAL B 146 13.59 12.93 -4.14
C VAL B 146 14.59 14.02 -4.46
N LYS B 147 15.85 13.61 -4.58
CA LYS B 147 16.94 14.50 -4.92
C LYS B 147 17.77 13.78 -5.97
N GLN B 148 18.32 14.52 -6.92
CA GLN B 148 19.14 13.92 -7.95
C GLN B 148 20.45 13.48 -7.26
N ILE B 149 20.71 12.18 -7.26
CA ILE B 149 21.89 11.64 -6.60
C ILE B 149 23.14 11.58 -7.48
N ARG B 150 23.03 10.94 -8.64
CA ARG B 150 24.18 10.80 -9.53
C ARG B 150 23.80 10.21 -10.87
N PRO B 151 24.68 10.33 -11.87
CA PRO B 151 24.34 9.76 -13.19
C PRO B 151 24.28 8.25 -13.05
N LEU B 152 23.57 7.58 -13.96
CA LEU B 152 23.48 6.13 -13.94
C LEU B 152 24.70 5.59 -14.68
N SER B 153 25.20 4.42 -14.27
CA SER B 153 26.34 3.83 -14.95
C SER B 153 25.79 3.16 -16.20
N ASP B 154 26.67 2.86 -17.15
CA ASP B 154 26.22 2.21 -18.37
C ASP B 154 25.59 0.88 -18.00
N GLU B 155 26.10 0.27 -16.94
CA GLU B 155 25.57 -1.00 -16.48
C GLU B 155 24.13 -0.81 -16.01
N GLU B 156 23.90 0.21 -15.17
CA GLU B 156 22.56 0.48 -14.65
C GLU B 156 21.57 0.81 -15.76
N LYS B 157 21.99 1.56 -16.77
CA LYS B 157 21.10 1.88 -17.88
C LYS B 157 20.70 0.56 -18.53
N ALA B 158 21.68 -0.29 -18.79
CA ALA B 158 21.44 -1.58 -19.40
C ALA B 158 20.49 -2.40 -18.51
N GLY B 159 20.68 -2.26 -17.19
CA GLY B 159 19.83 -2.98 -16.25
C GLY B 159 18.37 -2.62 -16.39
N LEU B 160 18.10 -1.40 -16.82
CA LEU B 160 16.72 -0.95 -17.01
C LEU B 160 16.03 -1.87 -18.02
N ARG B 161 16.66 -2.06 -19.17
CA ARG B 161 16.12 -2.93 -20.19
C ARG B 161 16.03 -4.35 -19.65
N TYR B 162 17.11 -4.81 -19.02
CA TYR B 162 17.14 -6.17 -18.48
C TYR B 162 16.00 -6.40 -17.51
N SER B 163 15.77 -5.42 -16.63
CA SER B 163 14.71 -5.53 -15.65
C SER B 163 13.36 -5.79 -16.30
N ALA B 164 13.02 -5.00 -17.31
CA ALA B 164 11.76 -5.16 -18.02
C ALA B 164 11.67 -6.54 -18.64
N ASN B 165 12.69 -6.93 -19.39
CA ASN B 165 12.70 -8.24 -20.03
C ASN B 165 12.47 -9.34 -19.01
N ASN B 166 13.21 -9.32 -17.91
CA ASN B 166 13.05 -10.32 -16.88
C ASN B 166 11.60 -10.47 -16.47
N TYR B 167 10.91 -9.35 -16.27
CA TYR B 167 9.51 -9.39 -15.89
C TYR B 167 8.60 -9.87 -17.01
N VAL B 168 8.97 -9.58 -18.25
CA VAL B 168 8.19 -10.04 -19.38
C VAL B 168 8.19 -11.56 -19.31
N LYS B 169 9.36 -12.12 -19.01
CA LYS B 169 9.55 -13.56 -18.90
C LYS B 169 8.76 -14.14 -17.73
N TRP B 170 8.88 -13.51 -16.56
CA TRP B 170 8.17 -13.99 -15.39
C TRP B 170 6.68 -13.91 -15.66
N LYS B 171 6.28 -12.90 -16.42
CA LYS B 171 4.88 -12.72 -16.78
C LYS B 171 4.43 -13.92 -17.62
N ASP B 172 5.22 -14.26 -18.63
CA ASP B 172 4.91 -15.39 -19.51
C ASP B 172 4.85 -16.72 -18.79
N GLU B 173 5.71 -16.91 -17.78
CA GLU B 173 5.69 -18.16 -17.04
C GLU B 173 4.34 -18.39 -16.36
N TYR B 174 3.70 -17.30 -15.92
CA TYR B 174 2.39 -17.42 -15.28
C TYR B 174 1.26 -17.62 -16.28
N LEU B 175 1.40 -17.04 -17.46
CA LEU B 175 0.39 -17.20 -18.50
C LEU B 175 0.45 -18.64 -18.98
N ASP B 176 1.62 -19.25 -18.87
CA ASP B 176 1.84 -20.64 -19.30
C ASP B 176 1.24 -21.68 -18.36
N GLN B 177 0.92 -21.27 -17.14
CA GLN B 177 0.33 -22.18 -16.17
C GLN B 177 -1.12 -22.48 -16.54
N ASP C 2 -6.66 -21.07 -5.36
CA ASP C 2 -7.51 -20.27 -4.43
C ASP C 2 -6.68 -19.20 -3.72
N VAL C 3 -6.02 -19.59 -2.63
CA VAL C 3 -5.18 -18.67 -1.87
C VAL C 3 -3.71 -19.07 -2.04
N LEU C 4 -3.49 -20.36 -2.25
CA LEU C 4 -2.15 -20.90 -2.46
C LEU C 4 -1.95 -21.18 -3.95
N HIS C 5 -1.00 -20.47 -4.56
CA HIS C 5 -0.74 -20.66 -5.98
C HIS C 5 0.62 -21.29 -6.24
N PRO C 6 0.73 -22.05 -7.33
CA PRO C 6 2.00 -22.69 -7.65
C PRO C 6 2.86 -21.85 -8.58
N TYR C 7 4.16 -22.09 -8.53
CA TYR C 7 5.08 -21.43 -9.43
C TYR C 7 5.84 -22.59 -10.06
N ARG C 8 5.24 -23.13 -11.12
CA ARG C 8 5.80 -24.28 -11.82
C ARG C 8 5.69 -25.51 -10.92
N ASP C 9 6.83 -25.94 -10.38
CA ASP C 9 6.84 -27.12 -9.51
C ASP C 9 6.94 -26.77 -8.04
N LEU C 10 6.88 -25.48 -7.72
CA LEU C 10 6.97 -25.01 -6.34
C LEU C 10 5.59 -24.67 -5.78
N PHE C 11 5.27 -25.19 -4.60
CA PHE C 11 3.99 -24.93 -3.97
C PHE C 11 4.19 -24.68 -2.48
N PRO C 12 3.42 -23.75 -1.90
CA PRO C 12 3.52 -23.42 -0.48
C PRO C 12 3.43 -24.59 0.48
N GLN C 13 4.26 -24.55 1.52
CA GLN C 13 4.29 -25.58 2.56
C GLN C 13 3.77 -24.95 3.85
N ILE C 14 2.63 -25.45 4.32
CA ILE C 14 2.00 -24.91 5.53
C ILE C 14 2.12 -25.80 6.75
N GLY C 15 2.52 -25.19 7.87
CA GLY C 15 2.67 -25.92 9.11
C GLY C 15 1.33 -26.10 9.80
N GLN C 16 1.37 -26.15 11.13
CA GLN C 16 0.18 -26.34 11.94
C GLN C 16 -0.52 -25.05 12.39
N ARG C 17 -1.85 -25.11 12.41
CA ARG C 17 -2.69 -24.00 12.83
C ARG C 17 -2.33 -22.69 12.13
N VAL C 18 -2.07 -22.77 10.83
CA VAL C 18 -1.73 -21.58 10.07
C VAL C 18 -3.00 -20.92 9.53
N MET C 19 -3.02 -19.59 9.60
CA MET C 19 -4.17 -18.80 9.16
C MET C 19 -3.81 -17.96 7.94
N ILE C 20 -4.60 -18.08 6.89
CA ILE C 20 -4.39 -17.29 5.68
C ILE C 20 -5.73 -16.73 5.28
N ASP C 21 -5.83 -15.42 5.14
CA ASP C 21 -7.11 -14.81 4.75
C ASP C 21 -7.44 -15.17 3.29
N ASP C 22 -8.72 -15.26 2.97
CA ASP C 22 -9.16 -15.59 1.62
C ASP C 22 -8.78 -14.53 0.60
N SER C 23 -8.58 -13.30 1.06
CA SER C 23 -8.23 -12.20 0.17
C SER C 23 -6.76 -12.09 -0.14
N SER C 24 -5.93 -12.87 0.52
CA SER C 24 -4.50 -12.82 0.30
C SER C 24 -4.01 -13.83 -0.72
N VAL C 25 -2.87 -13.52 -1.34
CA VAL C 25 -2.29 -14.37 -2.36
C VAL C 25 -0.89 -14.88 -1.98
N VAL C 26 -0.74 -16.19 -1.84
CA VAL C 26 0.54 -16.81 -1.50
C VAL C 26 0.97 -17.64 -2.72
N ILE C 27 2.13 -17.32 -3.28
CA ILE C 27 2.62 -18.00 -4.48
C ILE C 27 4.02 -18.63 -4.42
N GLY C 28 4.16 -19.80 -5.03
CA GLY C 28 5.45 -20.47 -5.09
C GLY C 28 6.02 -21.15 -3.86
N ASP C 29 7.33 -21.04 -3.70
CA ASP C 29 8.02 -21.66 -2.58
C ASP C 29 7.97 -20.77 -1.35
N VAL C 30 6.80 -20.76 -0.71
CA VAL C 30 6.61 -19.99 0.52
C VAL C 30 6.44 -21.03 1.61
N ARG C 31 7.29 -20.94 2.63
CA ARG C 31 7.23 -21.89 3.73
C ARG C 31 6.71 -21.24 5.01
N LEU C 32 5.54 -21.68 5.46
CA LEU C 32 4.94 -21.13 6.67
C LEU C 32 4.97 -22.09 7.85
N ALA C 33 5.74 -21.73 8.87
CA ALA C 33 5.85 -22.55 10.07
C ALA C 33 4.53 -22.54 10.84
N ASP C 34 4.52 -23.20 12.00
CA ASP C 34 3.33 -23.30 12.82
C ASP C 34 2.82 -21.98 13.41
N ASP C 35 1.50 -21.87 13.51
CA ASP C 35 0.87 -20.68 14.09
C ASP C 35 1.11 -19.38 13.34
N VAL C 36 1.59 -19.47 12.11
CA VAL C 36 1.83 -18.26 11.33
C VAL C 36 0.49 -17.72 10.83
N GLY C 37 0.28 -16.42 11.01
CA GLY C 37 -0.97 -15.81 10.59
C GLY C 37 -0.83 -14.77 9.50
N ILE C 38 -1.34 -15.08 8.32
CA ILE C 38 -1.29 -14.18 7.17
C ILE C 38 -2.64 -13.49 7.11
N TRP C 39 -2.63 -12.17 7.25
CA TRP C 39 -3.85 -11.39 7.25
C TRP C 39 -4.34 -10.85 5.91
N PRO C 40 -5.53 -10.21 5.89
CA PRO C 40 -6.14 -9.65 4.68
C PRO C 40 -5.28 -8.89 3.66
N LEU C 41 -5.59 -9.13 2.39
CA LEU C 41 -4.93 -8.49 1.26
C LEU C 41 -3.41 -8.49 1.29
N VAL C 42 -2.83 -9.63 1.65
CA VAL C 42 -1.37 -9.75 1.69
C VAL C 42 -0.90 -10.57 0.49
N VAL C 43 0.30 -10.27 -0.02
CA VAL C 43 0.85 -11.03 -1.12
C VAL C 43 2.25 -11.48 -0.73
N ILE C 44 2.49 -12.79 -0.86
CA ILE C 44 3.79 -13.36 -0.54
C ILE C 44 4.19 -14.12 -1.79
N ARG C 45 5.24 -13.65 -2.47
CA ARG C 45 5.71 -14.27 -3.69
C ARG C 45 7.11 -14.88 -3.59
N GLY C 46 7.16 -16.21 -3.62
CA GLY C 46 8.42 -16.92 -3.54
C GLY C 46 8.70 -17.67 -4.83
N ASP C 47 8.85 -16.94 -5.94
CA ASP C 47 9.11 -17.56 -7.22
C ASP C 47 10.59 -17.69 -7.57
N VAL C 48 11.24 -16.57 -7.88
CA VAL C 48 12.66 -16.58 -8.25
C VAL C 48 13.52 -17.09 -7.10
N HIS C 49 12.98 -17.03 -5.88
CA HIS C 49 13.67 -17.52 -4.70
C HIS C 49 12.60 -17.88 -3.69
N TYR C 50 12.98 -18.57 -2.62
CA TYR C 50 11.99 -18.97 -1.64
C TYR C 50 11.79 -17.96 -0.52
N VAL C 51 10.66 -18.10 0.18
CA VAL C 51 10.33 -17.26 1.30
C VAL C 51 10.08 -18.18 2.49
N GLN C 52 10.81 -17.96 3.58
CA GLN C 52 10.66 -18.78 4.78
C GLN C 52 10.25 -17.92 5.97
N ILE C 53 9.14 -18.29 6.62
CA ILE C 53 8.66 -17.54 7.77
C ILE C 53 8.52 -18.42 9.02
N GLY C 54 9.24 -18.03 10.07
CA GLY C 54 9.22 -18.78 11.32
C GLY C 54 7.89 -18.96 12.01
N ALA C 55 7.92 -19.75 13.08
CA ALA C 55 6.73 -20.06 13.86
C ALA C 55 6.21 -18.87 14.65
N ARG C 56 4.90 -18.83 14.83
CA ARG C 56 4.23 -17.79 15.60
C ARG C 56 4.47 -16.38 15.05
N THR C 57 4.60 -16.26 13.74
CA THR C 57 4.83 -14.96 13.13
C THR C 57 3.57 -14.46 12.43
N ASN C 58 3.31 -13.16 12.57
CA ASN C 58 2.13 -12.57 11.94
C ASN C 58 2.50 -11.57 10.83
N ILE C 59 1.82 -11.69 9.70
CA ILE C 59 1.99 -10.81 8.55
C ILE C 59 0.65 -10.09 8.44
N GLN C 60 0.61 -8.87 8.98
CA GLN C 60 -0.60 -8.08 9.00
C GLN C 60 -1.11 -7.52 7.67
N ASP C 61 -2.38 -7.11 7.68
CA ASP C 61 -3.10 -6.57 6.52
C ASP C 61 -2.30 -5.66 5.59
N GLY C 62 -2.33 -5.98 4.30
CA GLY C 62 -1.65 -5.16 3.31
C GLY C 62 -0.17 -5.36 3.03
N SER C 63 0.51 -6.25 3.75
CA SER C 63 1.92 -6.46 3.51
C SER C 63 2.24 -7.09 2.16
N MET C 64 3.45 -6.84 1.67
CA MET C 64 3.91 -7.38 0.40
C MET C 64 5.29 -7.97 0.65
N LEU C 65 5.42 -9.28 0.44
CA LEU C 65 6.67 -10.00 0.65
C LEU C 65 7.21 -10.60 -0.63
N HIS C 66 8.42 -10.22 -1.00
CA HIS C 66 9.02 -10.77 -2.20
C HIS C 66 10.48 -11.04 -1.96
N VAL C 67 11.15 -11.59 -2.96
CA VAL C 67 12.56 -11.91 -2.85
C VAL C 67 13.38 -11.12 -3.85
N THR C 68 14.71 -11.22 -3.72
CA THR C 68 15.62 -10.50 -4.60
C THR C 68 15.55 -11.00 -6.03
N HIS C 69 15.20 -10.10 -6.94
CA HIS C 69 15.09 -10.43 -8.35
C HIS C 69 16.39 -11.00 -8.90
N LYS C 70 16.28 -11.73 -10.01
CA LYS C 70 17.45 -12.30 -10.65
C LYS C 70 18.19 -11.19 -11.35
N GLY C 77 18.37 -13.57 -6.14
CA GLY C 77 19.71 -13.51 -5.60
C GLY C 77 19.73 -13.54 -4.09
N ASN C 78 18.54 -13.60 -3.49
CA ASN C 78 18.40 -13.64 -2.05
C ASN C 78 16.99 -14.01 -1.63
N PRO C 79 16.85 -15.08 -0.85
CA PRO C 79 15.52 -15.52 -0.38
C PRO C 79 15.05 -14.59 0.72
N LEU C 80 13.79 -14.74 1.13
CA LEU C 80 13.25 -13.93 2.21
C LEU C 80 13.13 -14.83 3.43
N THR C 81 13.78 -14.43 4.52
CA THR C 81 13.76 -15.23 5.74
C THR C 81 13.36 -14.43 6.97
N ILE C 82 12.30 -14.87 7.61
CA ILE C 82 11.77 -14.23 8.81
C ILE C 82 11.81 -15.26 9.93
N GLY C 83 12.32 -14.86 11.10
CA GLY C 83 12.40 -15.76 12.23
C GLY C 83 11.09 -16.11 12.91
N GLU C 84 11.15 -16.33 14.22
CA GLU C 84 9.97 -16.68 14.99
C GLU C 84 9.47 -15.56 15.88
N ASP C 85 8.18 -15.60 16.23
CA ASP C 85 7.58 -14.57 17.08
C ASP C 85 7.80 -13.18 16.46
N VAL C 86 7.84 -13.13 15.14
CA VAL C 86 8.03 -11.86 14.46
C VAL C 86 6.68 -11.21 14.16
N THR C 87 6.57 -9.91 14.44
CA THR C 87 5.35 -9.17 14.17
C THR C 87 5.60 -8.26 12.96
N VAL C 88 4.94 -8.57 11.85
CA VAL C 88 5.07 -7.78 10.64
C VAL C 88 3.87 -6.85 10.55
N GLY C 89 4.11 -5.57 10.80
CA GLY C 89 3.04 -4.59 10.78
C GLY C 89 2.26 -4.49 9.48
N HIS C 90 1.17 -3.72 9.53
CA HIS C 90 0.31 -3.51 8.37
C HIS C 90 1.07 -2.83 7.25
N LYS C 91 0.69 -3.15 6.02
CA LYS C 91 1.28 -2.58 4.82
C LYS C 91 2.81 -2.52 4.82
N VAL C 92 3.46 -3.51 5.43
CA VAL C 92 4.92 -3.54 5.46
C VAL C 92 5.46 -4.17 4.17
N MET C 93 6.55 -3.60 3.67
CA MET C 93 7.18 -4.09 2.45
C MET C 93 8.50 -4.78 2.81
N LEU C 94 8.57 -6.10 2.61
CA LEU C 94 9.79 -6.86 2.89
C LEU C 94 10.31 -7.42 1.58
N HIS C 95 11.54 -7.08 1.23
CA HIS C 95 12.11 -7.55 -0.03
C HIS C 95 13.52 -8.17 0.07
N GLY C 96 13.56 -9.49 -0.09
CA GLY C 96 14.82 -10.22 -0.03
C GLY C 96 15.71 -9.93 1.16
N CYS C 97 15.12 -9.80 2.35
CA CYS C 97 15.91 -9.52 3.55
C CYS C 97 15.90 -10.67 4.55
N THR C 98 16.60 -10.47 5.68
CA THR C 98 16.68 -11.49 6.71
C THR C 98 16.33 -10.92 8.09
N ILE C 99 15.26 -11.43 8.69
CA ILE C 99 14.81 -10.98 10.00
C ILE C 99 14.97 -12.07 11.05
N GLY C 100 15.56 -11.70 12.20
CA GLY C 100 15.78 -12.67 13.26
C GLY C 100 14.52 -13.06 13.99
N ASN C 101 14.66 -13.38 15.28
CA ASN C 101 13.51 -13.77 16.09
C ASN C 101 13.08 -12.62 16.97
N ARG C 102 11.80 -12.61 17.35
CA ARG C 102 11.26 -11.57 18.20
C ARG C 102 11.56 -10.17 17.66
N VAL C 103 11.02 -9.88 16.49
CA VAL C 103 11.20 -8.60 15.83
C VAL C 103 9.85 -7.98 15.54
N LEU C 104 9.78 -6.66 15.67
CA LEU C 104 8.55 -5.93 15.39
C LEU C 104 8.85 -4.94 14.28
N VAL C 105 8.19 -5.11 13.13
CA VAL C 105 8.41 -4.21 12.02
C VAL C 105 7.21 -3.27 11.94
N GLY C 106 7.44 -2.01 12.30
CA GLY C 106 6.38 -1.02 12.29
C GLY C 106 5.63 -0.92 10.97
N MET C 107 4.31 -0.81 11.08
CA MET C 107 3.45 -0.72 9.91
C MET C 107 3.95 0.36 8.94
N GLY C 108 3.86 0.06 7.65
CA GLY C 108 4.29 1.00 6.64
C GLY C 108 5.78 1.07 6.37
N SER C 109 6.56 0.18 6.99
CA SER C 109 8.01 0.18 6.79
C SER C 109 8.39 -0.56 5.53
N ILE C 110 9.60 -0.28 5.04
CA ILE C 110 10.14 -0.91 3.84
C ILE C 110 11.53 -1.46 4.18
N LEU C 111 11.71 -2.77 4.06
CA LEU C 111 13.02 -3.39 4.29
C LEU C 111 13.55 -3.95 2.97
N LEU C 112 14.66 -3.39 2.51
CA LEU C 112 15.25 -3.75 1.24
C LEU C 112 16.19 -4.95 1.20
N ASP C 113 16.51 -5.38 -0.02
CA ASP C 113 17.38 -6.51 -0.29
C ASP C 113 18.66 -6.54 0.55
N GLY C 114 18.98 -7.70 1.09
CA GLY C 114 20.19 -7.85 1.89
C GLY C 114 20.18 -7.23 3.26
N ALA C 115 19.07 -6.63 3.66
CA ALA C 115 18.98 -6.02 4.97
C ALA C 115 18.99 -7.17 5.98
N ILE C 116 19.56 -6.94 7.15
CA ILE C 116 19.62 -7.96 8.18
C ILE C 116 19.20 -7.39 9.53
N VAL C 117 18.10 -7.92 10.06
CA VAL C 117 17.59 -7.48 11.35
C VAL C 117 17.85 -8.60 12.34
N GLU C 118 18.64 -8.32 13.36
CA GLU C 118 18.96 -9.33 14.36
C GLU C 118 17.77 -9.52 15.30
N ASP C 119 17.89 -10.44 16.24
CA ASP C 119 16.80 -10.70 17.18
C ASP C 119 16.50 -9.50 18.07
N ASP C 120 15.33 -9.54 18.69
CA ASP C 120 14.88 -8.52 19.63
C ASP C 120 15.11 -7.07 19.19
N VAL C 121 14.57 -6.73 18.02
CA VAL C 121 14.69 -5.37 17.48
C VAL C 121 13.31 -4.79 17.21
N MET C 122 13.18 -3.48 17.39
CA MET C 122 11.92 -2.82 17.13
C MET C 122 12.14 -1.77 16.05
N ILE C 123 11.29 -1.81 15.03
CA ILE C 123 11.38 -0.87 13.93
C ILE C 123 10.13 0.01 13.95
N GLY C 124 10.33 1.31 14.09
CA GLY C 124 9.23 2.25 14.12
C GLY C 124 8.42 2.26 12.83
N ALA C 125 7.15 2.58 12.94
CA ALA C 125 6.28 2.63 11.78
C ALA C 125 6.84 3.60 10.72
N GLY C 126 6.60 3.28 9.45
CA GLY C 126 7.05 4.14 8.38
C GLY C 126 8.55 4.26 8.17
N SER C 127 9.30 3.24 8.55
CA SER C 127 10.75 3.29 8.39
C SER C 127 11.20 2.69 7.07
N LEU C 128 12.43 3.00 6.70
CA LEU C 128 13.02 2.48 5.47
C LEU C 128 14.40 1.95 5.84
N VAL C 129 14.57 0.63 5.79
CA VAL C 129 15.85 0.03 6.10
C VAL C 129 16.52 -0.21 4.75
N PRO C 130 17.55 0.58 4.42
CA PRO C 130 18.24 0.42 3.14
C PRO C 130 18.79 -0.97 2.87
N GLN C 131 19.24 -1.16 1.64
CA GLN C 131 19.81 -2.44 1.20
C GLN C 131 21.07 -2.80 1.98
N ASN C 132 21.23 -4.09 2.24
CA ASN C 132 22.39 -4.61 2.94
C ASN C 132 22.65 -4.02 4.31
N LYS C 133 21.68 -3.32 4.89
CA LYS C 133 21.89 -2.73 6.20
C LYS C 133 21.61 -3.75 7.31
N ARG C 134 22.44 -3.73 8.35
CA ARG C 134 22.28 -4.64 9.48
C ARG C 134 21.87 -3.87 10.73
N LEU C 135 20.88 -4.38 11.45
CA LEU C 135 20.42 -3.72 12.66
C LEU C 135 20.83 -4.56 13.89
N GLU C 136 21.57 -3.96 14.81
CA GLU C 136 22.03 -4.64 16.02
C GLU C 136 20.85 -5.05 16.88
N SER C 137 20.94 -6.24 17.46
CA SER C 137 19.89 -6.76 18.32
C SER C 137 19.64 -5.86 19.53
N GLY C 138 18.41 -5.91 20.04
CA GLY C 138 18.06 -5.11 21.21
C GLY C 138 17.96 -3.61 21.03
N TYR C 139 17.83 -3.14 19.80
CA TYR C 139 17.73 -1.70 19.57
C TYR C 139 16.45 -1.27 18.86
N LEU C 140 16.20 0.04 18.91
CA LEU C 140 15.05 0.64 18.25
C LEU C 140 15.58 1.40 17.05
N TYR C 141 15.01 1.13 15.89
CA TYR C 141 15.42 1.82 14.69
C TYR C 141 14.20 2.55 14.15
N LEU C 142 14.42 3.80 13.74
CA LEU C 142 13.34 4.62 13.23
C LEU C 142 13.85 5.64 12.22
N GLY C 143 13.03 5.92 11.22
CA GLY C 143 13.41 6.89 10.20
C GLY C 143 13.52 6.31 8.80
N SER C 144 13.64 7.20 7.83
CA SER C 144 13.75 6.84 6.43
C SER C 144 14.89 7.63 5.83
N PRO C 145 16.11 7.06 5.80
CA PRO C 145 16.53 5.74 6.26
C PRO C 145 16.65 5.65 7.78
N VAL C 146 16.41 4.47 8.34
CA VAL C 146 16.47 4.32 9.80
C VAL C 146 17.80 4.69 10.45
N LYS C 147 17.72 5.07 11.71
CA LYS C 147 18.90 5.41 12.50
C LYS C 147 18.73 4.66 13.82
N GLN C 148 19.85 4.29 14.46
CA GLN C 148 19.76 3.59 15.74
C GLN C 148 19.34 4.65 16.77
N ILE C 149 18.12 4.54 17.26
CA ILE C 149 17.58 5.51 18.21
C ILE C 149 18.14 5.35 19.63
N ARG C 150 17.96 4.15 20.18
CA ARG C 150 18.41 3.86 21.53
C ARG C 150 18.21 2.37 21.78
N PRO C 151 18.72 1.85 22.90
CA PRO C 151 18.51 0.42 23.16
C PRO C 151 17.12 0.21 23.75
N LEU C 152 16.57 -0.97 23.56
CA LEU C 152 15.25 -1.30 24.08
C LEU C 152 15.36 -1.75 25.53
N SER C 153 14.36 -1.40 26.34
CA SER C 153 14.38 -1.81 27.73
C SER C 153 13.94 -3.27 27.77
N ASP C 154 14.27 -3.96 28.86
CA ASP C 154 13.89 -5.35 29.00
C ASP C 154 12.38 -5.44 28.82
N GLU C 155 11.68 -4.42 29.31
CA GLU C 155 10.24 -4.34 29.22
C GLU C 155 9.82 -4.37 27.76
N GLU C 156 10.48 -3.56 26.93
CA GLU C 156 10.14 -3.52 25.51
C GLU C 156 10.52 -4.82 24.83
N LYS C 157 11.72 -5.31 25.11
CA LYS C 157 12.17 -6.56 24.50
C LYS C 157 11.19 -7.67 24.84
N ALA C 158 10.49 -7.50 25.95
CA ALA C 158 9.49 -8.47 26.37
C ALA C 158 8.23 -8.24 25.54
N GLY C 159 7.84 -6.98 25.43
CA GLY C 159 6.66 -6.63 24.66
C GLY C 159 6.68 -7.20 23.25
N LEU C 160 7.87 -7.50 22.74
CA LEU C 160 8.00 -8.06 21.40
C LEU C 160 7.38 -9.44 21.36
N ARG C 161 7.72 -10.25 22.35
CA ARG C 161 7.19 -11.61 22.43
C ARG C 161 5.69 -11.60 22.70
N TYR C 162 5.24 -10.64 23.48
CA TYR C 162 3.82 -10.55 23.82
C TYR C 162 2.97 -10.18 22.61
N SER C 163 3.58 -9.49 21.65
CA SER C 163 2.88 -9.09 20.43
C SER C 163 2.62 -10.34 19.60
N ALA C 164 3.65 -11.17 19.46
CA ALA C 164 3.52 -12.41 18.70
C ALA C 164 2.43 -13.26 19.35
N ASN C 165 2.52 -13.38 20.66
CA ASN C 165 1.56 -14.16 21.44
C ASN C 165 0.15 -13.67 21.23
N ASN C 166 -0.05 -12.36 21.36
CA ASN C 166 -1.37 -11.78 21.19
C ASN C 166 -1.93 -12.09 19.81
N TYR C 167 -1.11 -11.91 18.78
CA TYR C 167 -1.56 -12.18 17.42
C TYR C 167 -1.81 -13.66 17.15
N VAL C 168 -1.16 -14.53 17.92
CA VAL C 168 -1.38 -15.96 17.76
C VAL C 168 -2.81 -16.27 18.22
N LYS C 169 -3.18 -15.73 19.38
CA LYS C 169 -4.53 -15.93 19.92
C LYS C 169 -5.52 -15.27 18.95
N TRP C 170 -5.14 -14.10 18.47
CA TRP C 170 -5.96 -13.32 17.55
C TRP C 170 -6.32 -14.13 16.29
N LYS C 171 -5.33 -14.82 15.72
CA LYS C 171 -5.57 -15.62 14.53
C LYS C 171 -6.33 -16.91 14.82
N ASP C 172 -6.14 -17.46 16.03
CA ASP C 172 -6.86 -18.68 16.40
C ASP C 172 -8.34 -18.34 16.58
N GLU C 173 -8.62 -17.08 16.91
CA GLU C 173 -9.99 -16.62 17.11
C GLU C 173 -10.70 -16.48 15.77
N TYR C 174 -10.00 -15.97 14.77
CA TYR C 174 -10.59 -15.84 13.43
C TYR C 174 -10.87 -17.22 12.88
N LEU C 175 -9.96 -18.16 13.16
CA LEU C 175 -10.10 -19.53 12.70
C LEU C 175 -11.38 -20.17 13.20
N ASP C 176 -11.80 -19.86 14.43
CA ASP C 176 -13.03 -20.42 14.97
C ASP C 176 -14.25 -19.60 14.56
N GLN C 177 -14.84 -18.91 15.53
CA GLN C 177 -16.02 -18.08 15.30
C GLN C 177 -15.81 -17.07 14.17
ZN ZN D . -3.57 -2.83 13.51
ZN ZN E . -6.58 9.84 -7.22
ZN ZN F . 10.40 -7.88 -5.84
#